data_5C33
#
_entry.id   5C33
#
_cell.length_a   53.246
_cell.length_b   64.085
_cell.length_c   109.769
_cell.angle_alpha   90.00
_cell.angle_beta   90.00
_cell.angle_gamma   90.00
#
_symmetry.space_group_name_H-M   'P 21 21 21'
#
loop_
_entity.id
_entity.type
_entity.pdbx_description
1 polymer 'Ryanodine receptor 2'
2 non-polymer 'ISOPROPYL ALCOHOL'
3 non-polymer 'CHLORIDE ION'
4 water water
#
_entity_poly.entity_id   1
_entity_poly.type   'polypeptide(L)'
_entity_poly.pdbx_seq_one_letter_code
;SNANHVSSMRPNIFLGVSEGSAQYKKWYYELMVDHTEPFVTAEATHLRVGWASTEGYSPYPGGGEEWGGNGVGDDLFSYG
FDGLHLWSGCIARTVSSPNQHLLRTDDVISC(CME)LDLSAPSISFRINGQPVQGMFENFNIDGLFFPVVSFSAGIKVRF
LLGGRHGEFKFLPPPGYAACYEAVLPKEKLKVEHSREYKQER
;
_entity_poly.pdbx_strand_id   A,B
#
loop_
_chem_comp.id
_chem_comp.type
_chem_comp.name
_chem_comp.formula
CL non-polymer 'CHLORIDE ION' 'Cl -1'
IPA non-polymer 'ISOPROPYL ALCOHOL' 'C3 H8 O'
#
# COMPACT_ATOMS: atom_id res chain seq x y z
N VAL A 6 0.43 -4.23 -14.07
CA VAL A 6 -0.19 -4.97 -12.96
C VAL A 6 -0.04 -4.32 -11.56
N SER A 7 -1.19 -4.04 -11.00
CA SER A 7 -1.40 -3.40 -9.71
C SER A 7 -1.78 -4.49 -8.71
N SER A 8 -1.73 -4.13 -7.45
CA SER A 8 -2.14 -5.05 -6.40
C SER A 8 -2.85 -4.32 -5.29
N MET A 9 -3.77 -5.01 -4.64
N MET A 9 -3.78 -5.01 -4.64
CA MET A 9 -4.50 -4.45 -3.51
CA MET A 9 -4.49 -4.43 -3.49
C MET A 9 -4.53 -5.46 -2.37
C MET A 9 -4.56 -5.45 -2.37
N ARG A 10 -4.63 -4.95 -1.15
CA ARG A 10 -4.77 -5.82 0.01
C ARG A 10 -5.41 -5.01 1.15
N PRO A 11 -6.16 -5.68 2.02
CA PRO A 11 -6.58 -5.05 3.29
C PRO A 11 -5.52 -5.20 4.34
N ASN A 12 -5.60 -4.40 5.39
CA ASN A 12 -4.70 -4.53 6.54
C ASN A 12 -5.14 -5.58 7.55
N ILE A 13 -5.20 -6.81 7.09
CA ILE A 13 -5.58 -7.96 7.90
C ILE A 13 -4.44 -8.97 7.79
N PHE A 14 -3.88 -9.32 8.93
CA PHE A 14 -2.72 -10.19 9.02
C PHE A 14 -3.01 -11.34 9.92
N LEU A 15 -2.92 -12.54 9.35
CA LEU A 15 -3.32 -13.79 10.02
C LEU A 15 -2.16 -14.67 10.23
N GLY A 16 -2.00 -15.26 11.41
CA GLY A 16 -0.88 -16.16 11.54
C GLY A 16 -0.90 -16.86 12.83
N VAL A 17 0.09 -17.73 12.95
CA VAL A 17 0.27 -18.52 14.14
C VAL A 17 0.79 -17.65 15.25
N SER A 18 0.38 -18.00 16.46
CA SER A 18 0.98 -17.45 17.64
C SER A 18 0.82 -18.49 18.77
N GLU A 19 1.39 -18.17 19.93
CA GLU A 19 1.36 -19.00 21.12
C GLU A 19 0.19 -18.59 22.03
N GLY A 20 -0.59 -17.60 21.59
CA GLY A 20 -1.77 -17.17 22.32
C GLY A 20 -3.03 -17.96 21.97
N SER A 21 -4.18 -17.51 22.48
CA SER A 21 -5.45 -18.15 22.17
C SER A 21 -5.73 -18.03 20.69
N ALA A 22 -6.21 -19.12 20.10
CA ALA A 22 -6.46 -19.16 18.66
C ALA A 22 -7.68 -20.04 18.37
N GLN A 23 -8.85 -19.56 18.78
CA GLN A 23 -10.08 -20.26 18.47
C GLN A 23 -10.24 -20.53 16.98
N TYR A 24 -9.79 -19.57 16.17
N TYR A 24 -9.76 -19.62 16.13
CA TYR A 24 -9.79 -19.65 14.71
CA TYR A 24 -9.90 -19.77 14.69
C TYR A 24 -8.39 -19.88 14.13
C TYR A 24 -8.53 -19.77 13.94
N LYS A 25 -8.26 -20.90 13.30
CA LYS A 25 -7.04 -21.11 12.50
C LYS A 25 -7.38 -21.15 11.01
N LYS A 26 -8.65 -20.97 10.69
CA LYS A 26 -9.19 -21.12 9.34
C LYS A 26 -9.90 -19.84 8.98
N TRP A 27 -9.47 -19.20 7.87
CA TRP A 27 -9.84 -17.84 7.54
C TRP A 27 -10.43 -17.79 6.12
N TYR A 28 -11.46 -16.97 5.94
CA TYR A 28 -12.25 -16.90 4.71
C TYR A 28 -12.48 -15.44 4.27
N TYR A 29 -12.37 -15.22 2.98
CA TYR A 29 -12.91 -13.98 2.42
C TYR A 29 -13.38 -14.26 0.98
N GLU A 30 -14.04 -13.27 0.38
CA GLU A 30 -14.40 -13.36 -1.01
C GLU A 30 -13.89 -12.14 -1.78
N LEU A 31 -13.67 -12.35 -3.07
CA LEU A 31 -13.41 -11.25 -3.99
C LEU A 31 -14.51 -11.22 -5.01
N MET A 32 -15.09 -10.02 -5.20
N MET A 32 -15.04 -10.00 -5.20
CA MET A 32 -16.04 -9.81 -6.26
CA MET A 32 -16.00 -9.68 -6.24
C MET A 32 -15.38 -9.07 -7.41
C MET A 32 -15.29 -9.10 -7.42
N VAL A 33 -15.57 -9.62 -8.60
CA VAL A 33 -15.05 -9.00 -9.82
C VAL A 33 -16.15 -8.10 -10.39
N ASP A 34 -15.96 -6.78 -10.31
CA ASP A 34 -16.97 -5.84 -10.80
C ASP A 34 -16.86 -5.62 -12.28
N HIS A 35 -15.63 -5.65 -12.82
CA HIS A 35 -15.42 -5.46 -14.24
C HIS A 35 -14.09 -6.01 -14.70
N THR A 36 -14.17 -6.84 -15.75
CA THR A 36 -13.06 -7.16 -16.62
C THR A 36 -13.45 -6.72 -18.03
N GLU A 37 -12.45 -6.48 -18.88
CA GLU A 37 -12.72 -6.04 -20.24
C GLU A 37 -13.25 -7.20 -21.09
N ALA A 44 -3.29 -8.90 -23.68
CA ALA A 44 -3.45 -9.88 -22.59
C ALA A 44 -3.69 -9.25 -21.23
N THR A 45 -4.41 -9.97 -20.37
CA THR A 45 -4.79 -9.41 -19.06
C THR A 45 -4.31 -10.33 -17.92
N HIS A 46 -4.44 -9.85 -16.69
CA HIS A 46 -3.97 -10.56 -15.48
C HIS A 46 -4.99 -10.28 -14.39
N LEU A 47 -5.48 -11.34 -13.75
CA LEU A 47 -6.31 -11.18 -12.55
C LEU A 47 -6.08 -12.43 -11.71
N ARG A 48 -5.45 -12.26 -10.54
CA ARG A 48 -5.16 -13.36 -9.63
C ARG A 48 -5.52 -12.95 -8.22
N VAL A 49 -6.05 -13.89 -7.44
CA VAL A 49 -6.44 -13.59 -6.08
C VAL A 49 -5.98 -14.69 -5.15
N GLY A 50 -5.65 -14.36 -3.92
CA GLY A 50 -5.34 -15.37 -2.94
C GLY A 50 -4.73 -14.77 -1.69
N TRP A 51 -3.54 -15.25 -1.32
CA TRP A 51 -2.91 -14.86 -0.07
C TRP A 51 -1.41 -14.65 -0.27
N ALA A 52 -0.81 -13.84 0.59
CA ALA A 52 0.66 -13.70 0.62
C ALA A 52 1.14 -13.61 2.04
N SER A 53 2.40 -13.95 2.25
CA SER A 53 3.03 -13.84 3.55
C SER A 53 3.97 -12.66 3.63
N THR A 54 4.05 -12.10 4.84
CA THR A 54 5.02 -11.06 5.13
C THR A 54 6.47 -11.51 5.00
N GLU A 55 6.73 -12.84 4.97
CA GLU A 55 8.07 -13.30 4.69
C GLU A 55 8.51 -12.96 3.29
N GLY A 56 7.57 -12.61 2.40
CA GLY A 56 7.92 -12.19 1.06
C GLY A 56 8.23 -10.73 0.90
N TYR A 57 8.21 -9.98 1.99
CA TYR A 57 8.56 -8.55 1.93
C TYR A 57 9.99 -8.33 1.41
N SER A 58 10.21 -7.20 0.76
CA SER A 58 11.54 -6.82 0.30
C SER A 58 12.34 -6.21 1.43
N PRO A 59 13.58 -6.66 1.60
CA PRO A 59 14.40 -6.11 2.68
C PRO A 59 14.98 -4.75 2.32
N TYR A 60 15.03 -3.89 3.33
CA TYR A 60 15.62 -2.56 3.22
C TYR A 60 16.69 -2.38 4.28
N PRO A 61 17.57 -1.40 4.10
CA PRO A 61 18.59 -1.17 5.13
C PRO A 61 18.00 -0.98 6.53
N GLY A 62 18.77 -1.38 7.53
CA GLY A 62 18.38 -1.19 8.93
C GLY A 62 17.32 -2.16 9.38
N GLY A 63 17.07 -3.21 8.61
CA GLY A 63 16.11 -4.25 8.99
C GLY A 63 14.71 -3.96 8.53
N GLY A 64 14.52 -2.96 7.69
CA GLY A 64 13.20 -2.67 7.16
C GLY A 64 12.72 -3.77 6.24
N GLU A 65 11.41 -3.92 6.15
CA GLU A 65 10.79 -4.92 5.31
C GLU A 65 9.55 -4.28 4.72
N GLU A 66 9.38 -4.36 3.40
CA GLU A 66 8.27 -3.68 2.72
C GLU A 66 7.51 -4.62 1.80
N TRP A 67 6.19 -4.46 1.76
CA TRP A 67 5.39 -5.15 0.78
C TRP A 67 5.78 -4.70 -0.61
N GLY A 68 5.93 -5.65 -1.51
CA GLY A 68 6.37 -5.38 -2.87
C GLY A 68 5.23 -5.05 -3.85
N GLY A 69 4.02 -5.46 -3.55
CA GLY A 69 2.94 -5.20 -4.48
C GLY A 69 3.05 -5.89 -5.81
N ASN A 70 3.68 -7.06 -5.83
CA ASN A 70 3.87 -7.77 -7.08
C ASN A 70 2.75 -8.76 -7.36
N GLY A 71 2.82 -9.43 -8.51
CA GLY A 71 1.73 -10.32 -8.90
C GLY A 71 1.59 -11.45 -7.92
N VAL A 72 0.34 -11.82 -7.64
CA VAL A 72 0.10 -12.90 -6.67
C VAL A 72 0.57 -14.19 -7.29
N GLY A 73 1.45 -14.87 -6.59
CA GLY A 73 2.04 -16.10 -7.07
C GLY A 73 3.28 -15.98 -7.92
N ASP A 74 3.82 -14.76 -8.02
CA ASP A 74 5.06 -14.54 -8.72
C ASP A 74 6.29 -14.57 -7.82
N ASP A 75 6.16 -15.26 -6.72
CA ASP A 75 7.27 -15.52 -5.81
C ASP A 75 6.87 -16.72 -4.94
N LEU A 76 7.75 -17.13 -4.04
CA LEU A 76 7.51 -18.28 -3.18
C LEU A 76 6.82 -17.96 -1.89
N PHE A 77 6.20 -16.79 -1.82
CA PHE A 77 5.58 -16.31 -0.62
C PHE A 77 4.12 -15.91 -0.87
N SER A 78 3.59 -16.25 -2.05
CA SER A 78 2.24 -15.87 -2.38
C SER A 78 1.60 -16.96 -3.23
N TYR A 79 0.26 -16.95 -3.21
CA TYR A 79 -0.51 -18.09 -3.63
C TYR A 79 -1.76 -17.56 -4.31
N GLY A 80 -1.88 -17.73 -5.62
CA GLY A 80 -2.94 -17.10 -6.38
C GLY A 80 -3.75 -18.06 -7.21
N PHE A 81 -4.98 -17.67 -7.51
CA PHE A 81 -5.92 -18.37 -8.39
C PHE A 81 -6.42 -17.42 -9.47
N ASP A 82 -6.49 -17.91 -10.71
CA ASP A 82 -6.93 -17.09 -11.82
C ASP A 82 -8.13 -17.64 -12.58
N GLY A 83 -8.78 -18.66 -12.04
CA GLY A 83 -9.90 -19.33 -12.70
C GLY A 83 -9.52 -20.67 -13.34
N LEU A 84 -8.34 -20.72 -13.92
CA LEU A 84 -7.82 -21.92 -14.58
C LEU A 84 -6.66 -22.57 -13.87
N HIS A 85 -5.88 -21.75 -13.14
CA HIS A 85 -4.60 -22.18 -12.56
C HIS A 85 -4.43 -21.66 -11.17
N LEU A 86 -3.63 -22.41 -10.42
CA LEU A 86 -2.99 -21.92 -9.20
C LEU A 86 -1.58 -21.46 -9.51
N TRP A 87 -1.16 -20.35 -8.94
CA TRP A 87 0.16 -19.77 -9.14
C TRP A 87 0.96 -19.68 -7.85
N SER A 88 2.21 -20.13 -7.90
CA SER A 88 3.17 -19.81 -6.88
CA SER A 88 3.21 -20.03 -6.80
C SER A 88 4.57 -20.05 -7.48
N GLY A 89 5.54 -19.25 -7.02
CA GLY A 89 6.88 -19.32 -7.57
C GLY A 89 6.90 -19.08 -9.07
N CYS A 90 5.99 -18.25 -9.61
N CYS A 90 5.93 -18.29 -9.57
CA CYS A 90 5.96 -17.92 -11.05
CA CYS A 90 5.83 -17.88 -10.97
C CYS A 90 5.58 -19.10 -11.92
C CYS A 90 5.34 -18.99 -11.92
N ILE A 91 4.97 -20.12 -11.34
CA ILE A 91 4.61 -21.31 -12.08
C ILE A 91 3.12 -21.60 -11.90
N ALA A 92 2.47 -21.98 -12.99
CA ALA A 92 1.03 -22.30 -13.00
C ALA A 92 0.75 -23.80 -12.86
N ARG A 93 -0.16 -24.16 -11.98
N ARG A 93 -0.20 -24.13 -12.02
CA ARG A 93 -0.66 -25.53 -11.85
CA ARG A 93 -0.67 -25.50 -11.86
C ARG A 93 -2.10 -25.53 -12.37
C ARG A 93 -2.13 -25.56 -12.32
N THR A 94 -2.44 -26.46 -13.22
CA THR A 94 -3.82 -26.56 -13.68
C THR A 94 -4.72 -27.18 -12.65
N VAL A 95 -5.88 -26.54 -12.46
CA VAL A 95 -6.93 -27.04 -11.57
C VAL A 95 -8.21 -27.08 -12.36
N SER A 96 -9.26 -27.64 -11.78
CA SER A 96 -10.53 -27.77 -12.49
C SER A 96 -11.68 -27.26 -11.63
N SER A 97 -12.76 -26.91 -12.30
CA SER A 97 -14.00 -26.52 -11.63
C SER A 97 -15.14 -26.69 -12.62
N PRO A 98 -16.39 -26.62 -12.14
CA PRO A 98 -17.52 -26.52 -13.09
C PRO A 98 -17.46 -25.17 -13.87
N ASN A 99 -18.06 -25.15 -15.07
CA ASN A 99 -18.27 -23.89 -15.78
C ASN A 99 -16.96 -23.09 -15.83
N GLN A 100 -15.87 -23.72 -16.24
N GLN A 100 -15.82 -23.78 -15.97
CA GLN A 100 -14.56 -23.17 -15.89
CA GLN A 100 -14.51 -23.15 -15.67
C GLN A 100 -14.15 -22.09 -16.85
C GLN A 100 -14.04 -22.17 -16.75
N HIS A 101 -13.63 -21.00 -16.27
CA HIS A 101 -13.19 -19.88 -17.08
C HIS A 101 -12.18 -19.04 -16.30
N LEU A 102 -11.36 -18.30 -17.04
CA LEU A 102 -10.60 -17.21 -16.46
C LEU A 102 -11.57 -16.24 -15.79
N LEU A 103 -11.15 -15.63 -14.68
CA LEU A 103 -12.01 -14.75 -13.90
C LEU A 103 -12.55 -13.64 -14.77
N ARG A 104 -13.80 -13.29 -14.52
N ARG A 104 -13.84 -13.37 -14.61
N ARG A 104 -13.84 -13.37 -14.62
CA ARG A 104 -14.43 -12.26 -15.30
CA ARG A 104 -14.50 -12.33 -15.39
CA ARG A 104 -14.50 -12.33 -15.39
C ARG A 104 -15.54 -11.57 -14.51
C ARG A 104 -15.57 -11.62 -14.55
C ARG A 104 -15.55 -11.61 -14.54
N THR A 105 -16.10 -10.54 -15.11
CA THR A 105 -17.17 -9.76 -14.50
C THR A 105 -18.21 -10.65 -13.83
N ASP A 106 -18.48 -10.29 -12.56
CA ASP A 106 -19.49 -10.87 -11.69
C ASP A 106 -19.07 -12.21 -11.06
N ASP A 107 -17.88 -12.71 -11.35
CA ASP A 107 -17.40 -13.86 -10.59
C ASP A 107 -17.16 -13.46 -9.13
N VAL A 108 -17.45 -14.41 -8.25
CA VAL A 108 -17.18 -14.28 -6.81
C VAL A 108 -16.25 -15.43 -6.45
N ILE A 109 -15.06 -15.06 -6.01
CA ILE A 109 -14.03 -16.04 -5.66
C ILE A 109 -13.99 -16.15 -4.14
N SER A 110 -14.14 -17.36 -3.62
CA SER A 110 -13.95 -17.63 -2.21
C SER A 110 -12.50 -18.05 -1.99
N CYS A 111 -11.86 -17.50 -0.94
CA CYS A 111 -10.48 -17.82 -0.62
C CYS A 111 -10.41 -18.30 0.80
N CME A 112 -9.79 -19.45 0.98
CA CME A 112 -9.67 -20.13 2.24
CB CME A 112 -10.34 -21.51 2.20
SG CME A 112 -12.13 -21.49 2.15
SD CME A 112 -12.73 -21.43 0.31
CE CME A 112 -12.60 -23.13 -0.22
CZ CME A 112 -13.58 -24.04 0.54
OH CME A 112 -13.95 -25.20 -0.16
C CME A 112 -8.19 -20.35 2.59
O CME A 112 -7.40 -20.73 1.73
HA CME A 112 -10.16 -19.49 3.05
HB2 CME A 112 -9.97 -22.15 3.05
HB3 CME A 112 -10.07 -22.03 1.24
HE2 CME A 112 -11.54 -23.41 0.02
HE3 CME A 112 -12.74 -23.25 -1.32
HZ2 CME A 112 -14.51 -23.44 0.78
HZ3 CME A 112 -13.11 -24.34 1.51
HH CME A 112 -13.13 -25.59 -0.51
N LEU A 113 -7.86 -20.04 3.84
CA LEU A 113 -6.55 -20.31 4.42
C LEU A 113 -6.74 -21.12 5.66
N ASP A 114 -6.16 -22.30 5.70
CA ASP A 114 -6.19 -23.20 6.86
C ASP A 114 -4.81 -23.34 7.41
N LEU A 115 -4.53 -22.63 8.49
CA LEU A 115 -3.22 -22.65 9.09
C LEU A 115 -2.97 -23.91 9.89
N SER A 116 -3.98 -24.74 10.08
CA SER A 116 -3.82 -25.99 10.85
C SER A 116 -3.43 -27.17 9.95
N ALA A 117 -3.57 -27.06 8.64
CA ALA A 117 -3.30 -28.17 7.74
C ALA A 117 -1.80 -28.31 7.33
N PRO A 118 -1.20 -27.33 6.64
CA PRO A 118 -1.80 -26.07 6.13
C PRO A 118 -2.34 -26.26 4.72
N SER A 119 -3.27 -25.42 4.31
CA SER A 119 -3.77 -25.46 2.96
C SER A 119 -4.30 -24.06 2.60
N ILE A 120 -4.32 -23.81 1.29
CA ILE A 120 -5.00 -22.65 0.70
C ILE A 120 -5.86 -23.19 -0.42
N SER A 121 -7.15 -22.88 -0.37
CA SER A 121 -8.09 -23.46 -1.31
C SER A 121 -9.11 -22.37 -1.72
N PHE A 122 -9.84 -22.69 -2.77
CA PHE A 122 -10.72 -21.70 -3.43
C PHE A 122 -12.05 -22.27 -3.79
N ARG A 123 -13.05 -21.40 -3.91
N ARG A 123 -13.04 -21.39 -3.93
CA ARG A 123 -14.30 -21.71 -4.59
CA ARG A 123 -14.29 -21.72 -4.58
C ARG A 123 -14.51 -20.64 -5.64
C ARG A 123 -14.54 -20.63 -5.63
N ILE A 124 -15.31 -20.98 -6.65
CA ILE A 124 -15.67 -20.07 -7.72
C ILE A 124 -17.17 -20.08 -7.88
N ASN A 125 -17.81 -18.93 -7.64
CA ASN A 125 -19.27 -18.84 -7.66
C ASN A 125 -19.90 -19.95 -6.82
N GLY A 126 -19.28 -20.19 -5.66
CA GLY A 126 -19.79 -21.11 -4.68
C GLY A 126 -19.38 -22.57 -4.84
N GLN A 127 -18.68 -22.90 -5.92
N GLN A 127 -18.71 -22.91 -5.95
CA GLN A 127 -18.38 -24.27 -6.26
CA GLN A 127 -18.34 -24.28 -6.21
C GLN A 127 -16.88 -24.55 -6.01
C GLN A 127 -16.89 -24.51 -5.91
N PRO A 128 -16.53 -25.70 -5.37
CA PRO A 128 -15.11 -25.93 -5.07
C PRO A 128 -14.23 -26.04 -6.29
N VAL A 129 -13.05 -25.48 -6.19
CA VAL A 129 -12.00 -25.70 -7.15
C VAL A 129 -11.31 -26.97 -6.74
N GLN A 130 -11.13 -27.87 -7.72
CA GLN A 130 -10.43 -29.12 -7.48
C GLN A 130 -8.96 -28.89 -7.71
N GLY A 131 -8.21 -28.89 -6.60
CA GLY A 131 -6.81 -28.58 -6.56
C GLY A 131 -6.58 -27.44 -5.62
N MET A 132 -5.67 -27.63 -4.67
CA MET A 132 -5.37 -26.62 -3.68
C MET A 132 -3.90 -26.61 -3.38
N PHE A 133 -3.44 -25.59 -2.67
CA PHE A 133 -2.07 -25.57 -2.20
C PHE A 133 -1.94 -26.33 -0.91
N GLU A 134 -0.92 -27.20 -0.89
CA GLU A 134 -0.51 -27.97 0.26
C GLU A 134 1.03 -27.98 0.25
N ASN A 135 1.59 -28.46 1.33
CA ASN A 135 3.05 -28.72 1.37
C ASN A 135 3.85 -27.47 1.17
N PHE A 136 3.39 -26.35 1.74
CA PHE A 136 4.06 -25.07 1.76
C PHE A 136 4.20 -24.58 3.19
N ASN A 137 5.19 -23.75 3.40
CA ASN A 137 5.38 -23.24 4.72
C ASN A 137 4.46 -22.11 5.16
N ILE A 138 4.25 -22.01 6.48
CA ILE A 138 3.43 -20.98 7.05
C ILE A 138 4.22 -20.03 7.95
N ASP A 139 5.43 -19.72 7.55
CA ASP A 139 6.18 -18.64 8.19
C ASP A 139 5.55 -17.29 7.85
N GLY A 140 5.58 -16.38 8.82
CA GLY A 140 5.10 -15.00 8.60
C GLY A 140 3.64 -14.84 8.91
N LEU A 141 3.12 -13.65 8.65
CA LEU A 141 1.70 -13.38 8.69
C LEU A 141 1.13 -13.31 7.27
N PHE A 142 -0.05 -13.89 7.11
CA PHE A 142 -0.74 -13.96 5.82
C PHE A 142 -1.75 -12.84 5.69
N PHE A 143 -1.89 -12.32 4.47
CA PHE A 143 -2.89 -11.30 4.17
C PHE A 143 -3.60 -11.64 2.87
N PRO A 144 -4.89 -11.31 2.78
CA PRO A 144 -5.58 -11.35 1.49
C PRO A 144 -4.90 -10.46 0.48
N VAL A 145 -4.88 -10.85 -0.79
CA VAL A 145 -4.21 -10.03 -1.80
C VAL A 145 -4.77 -10.38 -3.19
N VAL A 146 -4.80 -9.37 -4.04
CA VAL A 146 -5.22 -9.51 -5.42
C VAL A 146 -4.26 -8.72 -6.29
N SER A 147 -4.02 -9.22 -7.50
CA SER A 147 -3.27 -8.47 -8.49
C SER A 147 -4.04 -8.46 -9.82
N PHE A 148 -3.90 -7.36 -10.56
CA PHE A 148 -4.75 -7.16 -11.73
C PHE A 148 -4.14 -6.15 -12.68
N SER A 149 -4.36 -6.38 -13.97
CA SER A 149 -3.97 -5.43 -15.01
C SER A 149 -4.95 -4.24 -15.10
N ALA A 150 -4.66 -3.29 -16.00
CA ALA A 150 -5.32 -1.98 -16.11
C ALA A 150 -6.79 -2.13 -16.40
N GLY A 151 -7.59 -1.35 -15.68
CA GLY A 151 -8.98 -1.21 -15.99
C GLY A 151 -9.81 -2.18 -15.20
N ILE A 152 -9.19 -3.18 -14.55
CA ILE A 152 -9.92 -4.17 -13.80
C ILE A 152 -10.37 -3.61 -12.47
N LYS A 153 -11.63 -3.90 -12.16
CA LYS A 153 -12.23 -3.43 -10.92
C LYS A 153 -12.69 -4.62 -10.10
N VAL A 154 -12.17 -4.70 -8.88
CA VAL A 154 -12.52 -5.76 -7.95
C VAL A 154 -12.76 -5.15 -6.56
N ARG A 155 -13.42 -5.90 -5.71
CA ARG A 155 -13.66 -5.54 -4.31
C ARG A 155 -13.42 -6.74 -3.45
N PHE A 156 -12.79 -6.50 -2.30
CA PHE A 156 -12.75 -7.46 -1.20
C PHE A 156 -14.07 -7.45 -0.45
N LEU A 157 -14.59 -8.62 -0.15
CA LEU A 157 -15.68 -8.85 0.77
C LEU A 157 -15.08 -9.60 1.95
N LEU A 158 -14.82 -8.90 3.05
CA LEU A 158 -14.07 -9.45 4.18
C LEU A 158 -14.95 -9.92 5.30
N GLY A 159 -16.22 -9.66 5.15
CA GLY A 159 -17.13 -9.75 6.25
C GLY A 159 -17.26 -8.33 6.86
N GLY A 160 -18.10 -8.20 7.81
CA GLY A 160 -18.37 -6.89 8.23
C GLY A 160 -19.45 -6.33 7.34
N ARG A 161 -20.07 -5.34 7.96
CA ARG A 161 -21.31 -4.81 7.46
C ARG A 161 -21.13 -4.20 6.08
N HIS A 162 -19.93 -3.75 5.78
CA HIS A 162 -19.75 -3.13 4.46
C HIS A 162 -19.19 -4.11 3.39
N GLY A 163 -19.02 -5.39 3.70
CA GLY A 163 -18.41 -6.34 2.79
C GLY A 163 -18.93 -7.72 3.06
N GLU A 164 -20.26 -7.85 3.05
N GLU A 164 -20.26 -7.86 3.07
CA GLU A 164 -20.89 -9.10 3.38
CA GLU A 164 -20.92 -9.12 3.42
C GLU A 164 -20.58 -10.18 2.35
C GLU A 164 -20.70 -10.19 2.36
N PHE A 165 -20.44 -11.40 2.82
CA PHE A 165 -20.21 -12.51 1.89
C PHE A 165 -21.47 -12.86 1.11
N LYS A 166 -21.26 -13.38 -0.09
CA LYS A 166 -22.33 -13.94 -0.89
C LYS A 166 -22.62 -15.39 -0.52
N PHE A 167 -21.62 -16.12 -0.04
CA PHE A 167 -21.71 -17.52 0.31
C PHE A 167 -21.33 -17.76 1.75
N LEU A 168 -21.86 -18.79 2.34
CA LEU A 168 -21.46 -19.15 3.70
C LEU A 168 -20.02 -19.63 3.75
N PRO A 169 -19.22 -19.13 4.72
CA PRO A 169 -17.92 -19.75 4.91
C PRO A 169 -18.06 -21.24 5.24
N PRO A 170 -17.06 -22.04 4.88
CA PRO A 170 -17.14 -23.46 5.25
C PRO A 170 -17.10 -23.62 6.78
N PRO A 171 -17.58 -24.76 7.30
CA PRO A 171 -17.55 -25.00 8.74
C PRO A 171 -16.16 -24.78 9.33
N GLY A 172 -16.10 -24.10 10.46
CA GLY A 172 -14.86 -23.86 11.13
C GLY A 172 -14.11 -22.62 10.68
N TYR A 173 -14.51 -22.00 9.59
CA TYR A 173 -13.84 -20.81 9.06
C TYR A 173 -14.42 -19.52 9.66
N ALA A 174 -13.53 -18.57 9.91
CA ALA A 174 -13.87 -17.25 10.39
C ALA A 174 -13.70 -16.24 9.26
N ALA A 175 -14.55 -15.22 9.29
CA ALA A 175 -14.39 -14.07 8.41
C ALA A 175 -13.12 -13.35 8.69
N CYS A 176 -12.40 -12.96 7.65
CA CYS A 176 -11.19 -12.16 7.84
C CYS A 176 -11.42 -10.87 8.60
N TYR A 177 -12.60 -10.29 8.48
CA TYR A 177 -12.88 -9.05 9.17
C TYR A 177 -12.65 -9.18 10.67
N GLU A 178 -12.79 -10.39 11.21
CA GLU A 178 -12.61 -10.57 12.66
C GLU A 178 -11.21 -10.33 13.11
N ALA A 179 -10.26 -10.29 12.20
CA ALA A 179 -8.86 -10.12 12.55
C ALA A 179 -8.39 -8.66 12.44
N VAL A 180 -9.32 -7.76 12.13
CA VAL A 180 -9.08 -6.32 12.26
C VAL A 180 -8.65 -6.02 13.68
N LEU A 181 -7.46 -5.43 13.83
CA LEU A 181 -6.90 -5.07 15.13
C LEU A 181 -7.40 -3.70 15.54
N LEU A 186 -9.87 -0.42 9.45
CA LEU A 186 -9.77 -1.30 8.23
C LEU A 186 -9.53 -0.45 7.01
N LYS A 187 -8.42 -0.74 6.37
N LYS A 187 -8.40 -0.72 6.39
CA LYS A 187 -7.98 0.03 5.22
CA LYS A 187 -7.95 0.03 5.22
C LYS A 187 -7.57 -0.92 4.09
C LYS A 187 -7.67 -0.95 4.08
N VAL A 188 -7.66 -0.41 2.87
CA VAL A 188 -7.16 -1.10 1.70
C VAL A 188 -5.98 -0.33 1.15
N GLU A 189 -4.90 -1.06 0.88
N GLU A 189 -4.93 -1.08 0.81
CA GLU A 189 -3.71 -0.51 0.25
CA GLU A 189 -3.74 -0.52 0.24
C GLU A 189 -3.73 -0.96 -1.22
C GLU A 189 -3.54 -1.00 -1.20
N HIS A 190 -3.40 -0.03 -2.10
CA HIS A 190 -3.31 -0.29 -3.52
C HIS A 190 -1.90 0.06 -3.96
N SER A 191 -1.18 -0.81 -4.65
CA SER A 191 0.14 -0.54 -5.17
C SER A 191 0.03 -0.53 -6.67
N ARG A 192 0.62 0.49 -7.31
CA ARG A 192 0.59 0.66 -8.77
C ARG A 192 1.92 1.12 -9.25
N GLU A 193 2.25 0.83 -10.49
CA GLU A 193 3.46 1.39 -11.07
C GLU A 193 3.39 2.90 -11.12
N TYR A 194 4.51 3.53 -10.84
CA TYR A 194 4.58 4.99 -10.83
C TYR A 194 4.56 5.59 -12.19
N LYS A 195 5.36 5.01 -13.06
CA LYS A 195 5.61 5.63 -14.35
C LYS A 195 4.33 5.60 -15.18
N VAL B 6 -8.97 10.39 6.07
CA VAL B 6 -8.08 10.82 4.98
C VAL B 6 -7.46 9.57 4.35
N SER B 7 -7.07 9.69 3.10
CA SER B 7 -6.30 8.69 2.37
C SER B 7 -4.87 9.19 2.39
N SER B 8 -3.95 8.32 2.01
CA SER B 8 -2.56 8.69 1.91
C SER B 8 -1.90 7.96 0.76
N MET B 9 -0.87 8.58 0.18
CA MET B 9 -0.09 7.98 -0.88
C MET B 9 1.38 8.18 -0.62
N ARG B 10 2.19 7.25 -1.11
CA ARG B 10 3.63 7.36 -1.02
C ARG B 10 4.29 6.55 -2.12
N PRO B 11 5.45 6.99 -2.59
CA PRO B 11 6.26 6.15 -3.48
C PRO B 11 7.14 5.21 -2.61
N ASN B 12 7.70 4.18 -3.22
CA ASN B 12 8.63 3.28 -2.54
C ASN B 12 10.07 3.83 -2.60
N ILE B 13 10.25 5.00 -1.98
N ILE B 13 10.27 4.96 -1.93
CA ILE B 13 11.55 5.63 -1.81
CA ILE B 13 11.56 5.61 -1.79
C ILE B 13 11.79 5.71 -0.31
C ILE B 13 11.84 5.78 -0.31
N PHE B 14 12.91 5.13 0.14
CA PHE B 14 13.26 5.06 1.56
C PHE B 14 14.67 5.55 1.78
N LEU B 15 14.76 6.63 2.57
CA LEU B 15 16.02 7.38 2.73
C LEU B 15 16.53 7.26 4.14
N GLY B 16 17.81 6.99 4.32
CA GLY B 16 18.35 6.88 5.67
C GLY B 16 19.82 7.21 5.69
N VAL B 17 20.34 7.33 6.91
CA VAL B 17 21.76 7.62 7.12
C VAL B 17 22.22 6.80 8.29
N GLN B 23 27.20 8.90 2.36
CA GLN B 23 26.01 8.81 1.52
C GLN B 23 25.60 10.18 0.96
N TYR B 24 24.76 10.17 -0.07
CA TYR B 24 23.95 11.31 -0.41
C TYR B 24 22.84 11.42 0.63
N LYS B 25 22.72 12.59 1.22
CA LYS B 25 21.83 12.77 2.35
C LYS B 25 20.77 13.81 2.09
N LYS B 26 20.82 14.52 0.95
CA LYS B 26 19.91 15.61 0.68
C LYS B 26 19.02 15.23 -0.51
N TRP B 27 17.71 15.16 -0.27
CA TRP B 27 16.78 14.60 -1.23
C TRP B 27 15.60 15.55 -1.44
N TYR B 28 15.17 15.61 -2.69
CA TYR B 28 14.13 16.52 -3.17
C TYR B 28 13.08 15.81 -3.99
N TYR B 29 11.82 16.22 -3.80
CA TYR B 29 10.76 15.85 -4.71
C TYR B 29 9.77 16.99 -4.78
N GLU B 30 8.83 16.90 -5.72
CA GLU B 30 7.73 17.84 -5.77
C GLU B 30 6.40 17.08 -5.77
N LEU B 31 5.39 17.73 -5.25
CA LEU B 31 4.01 17.25 -5.37
C LEU B 31 3.24 18.29 -6.17
N MET B 32 2.51 17.83 -7.18
CA MET B 32 1.58 18.65 -7.92
C MET B 32 0.19 18.32 -7.48
N VAL B 33 -0.58 19.38 -7.23
CA VAL B 33 -2.01 19.28 -6.88
C VAL B 33 -2.85 19.37 -8.15
N ASP B 34 -3.38 18.24 -8.60
CA ASP B 34 -4.14 18.23 -9.84
C ASP B 34 -5.47 18.85 -9.63
N HIS B 35 -6.12 18.61 -8.51
CA HIS B 35 -7.27 19.39 -8.14
C HIS B 35 -7.68 19.23 -6.70
N THR B 36 -8.20 20.35 -6.19
CA THR B 36 -8.84 20.43 -4.89
C THR B 36 -10.29 20.68 -5.14
N GLU B 37 -11.14 20.31 -4.18
CA GLU B 37 -12.59 20.44 -4.29
C GLU B 37 -13.04 21.76 -3.68
N ALA B 44 -13.43 21.04 6.65
CA ALA B 44 -13.69 19.64 6.37
C ALA B 44 -12.69 19.08 5.33
N THR B 45 -11.70 19.88 4.99
N THR B 45 -11.71 19.89 5.01
CA THR B 45 -10.70 19.52 3.98
CA THR B 45 -10.69 19.55 4.02
C THR B 45 -9.36 19.25 4.66
C THR B 45 -9.34 19.27 4.66
N HIS B 46 -8.59 18.34 4.08
CA HIS B 46 -7.27 18.00 4.58
C HIS B 46 -6.35 17.77 3.34
N LEU B 47 -5.23 18.46 3.28
CA LEU B 47 -4.24 18.16 2.25
C LEU B 47 -2.88 18.57 2.84
N ARG B 48 -2.02 17.57 3.10
CA ARG B 48 -0.72 17.79 3.69
C ARG B 48 0.31 16.95 3.00
N VAL B 49 1.50 17.49 2.81
CA VAL B 49 2.56 16.77 2.12
C VAL B 49 3.88 16.92 2.86
N GLY B 50 4.72 15.90 2.81
CA GLY B 50 6.03 15.96 3.43
C GLY B 50 6.73 14.61 3.45
N TRP B 51 7.10 14.21 4.66
CA TRP B 51 7.89 13.00 4.86
C TRP B 51 7.42 12.28 6.12
N ALA B 52 7.68 10.98 6.16
CA ALA B 52 7.43 10.23 7.37
C ALA B 52 8.54 9.21 7.55
N SER B 53 8.76 8.81 8.80
CA SER B 53 9.73 7.79 9.16
C SER B 53 9.09 6.44 9.41
N THR B 54 9.78 5.37 9.04
CA THR B 54 9.32 4.01 9.32
C THR B 54 9.28 3.76 10.85
N GLU B 55 9.92 4.63 11.66
CA GLU B 55 9.81 4.50 13.10
C GLU B 55 8.36 4.69 13.56
N GLY B 56 7.55 5.32 12.72
CA GLY B 56 6.15 5.49 13.04
C GLY B 56 5.25 4.36 12.60
N TYR B 57 5.81 3.27 12.07
CA TYR B 57 5.01 2.08 11.72
C TYR B 57 4.24 1.51 12.93
N SER B 58 3.10 0.90 12.65
CA SER B 58 2.30 0.19 13.64
C SER B 58 2.92 -1.18 13.88
N PRO B 59 3.20 -1.56 15.13
CA PRO B 59 3.81 -2.88 15.38
C PRO B 59 2.81 -4.06 15.29
N TYR B 60 3.25 -5.22 14.78
CA TYR B 60 2.37 -6.39 14.57
C TYR B 60 2.99 -7.60 15.20
N PRO B 61 2.17 -8.63 15.44
CA PRO B 61 2.70 -9.83 16.09
C PRO B 61 3.94 -10.35 15.36
N GLY B 62 4.86 -10.92 16.13
CA GLY B 62 6.09 -11.47 15.57
C GLY B 62 7.06 -10.41 15.11
N GLY B 63 6.95 -9.20 15.63
CA GLY B 63 7.86 -8.13 15.28
C GLY B 63 7.54 -7.49 13.93
N GLY B 64 6.34 -7.70 13.42
CA GLY B 64 5.97 -7.05 12.19
C GLY B 64 5.81 -5.56 12.39
N GLU B 65 5.90 -4.80 11.32
CA GLU B 65 5.72 -3.36 11.35
C GLU B 65 4.99 -2.99 10.06
N GLU B 66 3.93 -2.18 10.13
CA GLU B 66 3.17 -1.77 8.94
C GLU B 66 2.96 -0.26 8.87
N TRP B 67 3.01 0.28 7.66
CA TRP B 67 2.64 1.67 7.43
C TRP B 67 1.16 1.84 7.78
N GLY B 68 0.86 2.87 8.55
CA GLY B 68 -0.51 3.14 8.93
C GLY B 68 -1.34 3.97 7.98
N GLY B 69 -0.71 4.72 7.07
CA GLY B 69 -1.45 5.51 6.12
C GLY B 69 -2.26 6.62 6.76
N ASN B 70 -1.78 7.18 7.86
CA ASN B 70 -2.51 8.23 8.55
C ASN B 70 -2.09 9.63 8.10
N GLY B 71 -2.71 10.66 8.68
CA GLY B 71 -2.46 12.04 8.24
C GLY B 71 -1.02 12.41 8.43
N VAL B 72 -0.42 13.10 7.48
CA VAL B 72 0.97 13.49 7.62
C VAL B 72 1.07 14.56 8.71
N GLY B 73 1.91 14.32 9.71
CA GLY B 73 2.04 15.23 10.82
C GLY B 73 1.14 14.95 11.99
N ASP B 74 0.35 13.86 11.93
CA ASP B 74 -0.56 13.49 13.02
C ASP B 74 0.09 12.48 13.97
N ASP B 75 1.40 12.47 14.04
CA ASP B 75 2.12 11.65 14.99
C ASP B 75 3.51 12.23 15.07
N LEU B 76 4.34 11.62 15.90
CA LEU B 76 5.66 12.16 16.16
C LEU B 76 6.74 11.67 15.20
N PHE B 77 6.29 11.05 14.11
CA PHE B 77 7.18 10.43 13.15
C PHE B 77 6.91 10.93 11.74
N SER B 78 6.19 12.03 11.60
CA SER B 78 5.89 12.54 10.29
C SER B 78 5.81 14.05 10.33
N TYR B 79 5.97 14.66 9.14
CA TYR B 79 6.30 16.09 9.02
C TYR B 79 5.63 16.62 7.77
N GLY B 80 4.60 17.43 7.94
CA GLY B 80 3.80 17.87 6.80
C GLY B 80 3.68 19.35 6.66
N PHE B 81 3.30 19.79 5.46
CA PHE B 81 3.00 21.18 5.13
C PHE B 81 1.66 21.24 4.41
N ASP B 82 0.83 22.21 4.81
CA ASP B 82 -0.52 22.34 4.26
C ASP B 82 -0.74 23.64 3.49
N GLY B 83 0.33 24.39 3.21
CA GLY B 83 0.22 25.68 2.53
C GLY B 83 0.40 26.86 3.48
N LEU B 84 -0.13 26.74 4.69
CA LEU B 84 -0.04 27.79 5.72
C LEU B 84 0.78 27.32 6.92
N HIS B 85 0.81 26.01 7.18
CA HIS B 85 1.33 25.48 8.44
C HIS B 85 2.19 24.26 8.21
N LEU B 86 3.14 24.06 9.11
CA LEU B 86 3.86 22.78 9.29
C LEU B 86 3.12 22.00 10.36
N TRP B 87 3.09 20.69 10.20
CA TRP B 87 2.48 19.79 11.19
C TRP B 87 3.43 18.67 11.60
N SER B 88 3.48 18.41 12.92
CA SER B 88 4.10 17.21 13.44
C SER B 88 3.56 17.07 14.84
N GLY B 89 3.41 15.84 15.29
CA GLY B 89 2.86 15.58 16.60
C GLY B 89 1.45 16.14 16.81
N CYS B 90 0.68 16.25 15.72
N CYS B 90 0.69 16.21 15.71
CA CYS B 90 -0.70 16.76 15.78
CA CYS B 90 -0.66 16.76 15.68
C CYS B 90 -0.75 18.24 16.10
C CYS B 90 -0.68 18.17 16.24
N ILE B 91 0.38 18.91 15.94
CA ILE B 91 0.48 20.34 16.30
C ILE B 91 0.93 21.13 15.07
N ALA B 92 0.26 22.24 14.82
CA ALA B 92 0.57 23.11 13.71
C ALA B 92 1.51 24.20 14.14
N ARG B 93 2.35 24.61 13.20
N ARG B 93 2.27 24.67 13.16
CA ARG B 93 3.13 25.83 13.33
CA ARG B 93 3.20 25.78 13.29
C ARG B 93 2.94 26.61 12.05
C ARG B 93 3.07 26.63 12.04
N THR B 94 2.55 27.85 12.18
CA THR B 94 2.33 28.73 11.03
C THR B 94 3.63 29.23 10.46
N VAL B 95 3.77 29.15 9.15
CA VAL B 95 4.99 29.56 8.47
C VAL B 95 4.63 30.44 7.29
N SER B 96 5.40 31.50 7.04
N SER B 96 5.43 31.48 7.02
CA SER B 96 5.03 32.41 5.97
CA SER B 96 5.14 32.43 5.96
C SER B 96 5.62 32.02 4.61
C SER B 96 5.68 32.03 4.58
N SER B 97 4.97 32.49 3.57
CA SER B 97 5.45 32.36 2.20
C SER B 97 4.77 33.45 1.39
N PRO B 98 5.30 33.76 0.21
CA PRO B 98 4.65 34.79 -0.61
C PRO B 98 3.23 34.29 -1.02
N ASN B 99 2.26 35.13 -0.86
CA ASN B 99 0.90 34.79 -1.22
C ASN B 99 0.47 33.52 -0.58
N GLN B 100 0.88 33.31 0.67
CA GLN B 100 0.55 32.08 1.38
C GLN B 100 -0.92 31.73 1.28
N HIS B 101 -1.20 30.48 1.03
CA HIS B 101 -2.58 29.98 0.93
C HIS B 101 -2.58 28.48 1.22
N LEU B 102 -3.72 27.98 1.67
CA LEU B 102 -3.89 26.52 1.78
C LEU B 102 -3.69 25.90 0.40
N LEU B 103 -3.11 24.72 0.38
CA LEU B 103 -2.79 24.08 -0.89
C LEU B 103 -4.03 23.95 -1.77
N ARG B 104 -3.83 24.20 -3.07
CA ARG B 104 -4.94 24.22 -4.05
C ARG B 104 -4.47 23.72 -5.39
N THR B 105 -5.41 23.49 -6.27
CA THR B 105 -5.16 23.12 -7.66
C THR B 105 -4.01 23.91 -8.25
N ASP B 106 -3.10 23.12 -8.85
N ASP B 106 -3.12 23.18 -8.94
CA ASP B 106 -1.95 23.57 -9.61
CA ASP B 106 -1.94 23.72 -9.62
C ASP B 106 -0.78 24.02 -8.74
C ASP B 106 -0.81 24.17 -8.72
N ASP B 107 -0.94 24.06 -7.42
CA ASP B 107 0.22 24.29 -6.57
C ASP B 107 1.23 23.17 -6.80
N VAL B 108 2.50 23.55 -6.78
CA VAL B 108 3.64 22.63 -6.80
C VAL B 108 4.42 22.84 -5.51
N ILE B 109 4.44 21.83 -4.67
CA ILE B 109 5.14 21.89 -3.41
C ILE B 109 6.47 21.16 -3.53
N SER B 110 7.56 21.87 -3.28
CA SER B 110 8.87 21.26 -3.17
C SER B 110 9.07 20.77 -1.75
N CYS B 111 9.57 19.55 -1.61
CA CYS B 111 9.86 18.97 -0.33
C CYS B 111 11.32 18.54 -0.27
N CME B 112 12.00 19.01 0.75
CA CME B 112 13.44 18.77 0.94
CB CME B 112 14.14 20.14 1.02
SG CME B 112 14.33 21.03 -0.48
SD CME B 112 12.84 22.18 -0.71
CE CME B 112 13.22 23.60 0.24
CZ CME B 112 14.43 24.37 -0.23
OH CME B 112 14.43 25.63 0.39
C CME B 112 13.65 18.03 2.24
O CME B 112 13.03 18.36 3.23
HA CME B 112 13.84 18.16 0.07
HB2 CME B 112 15.13 20.04 1.54
HB3 CME B 112 13.51 20.84 1.65
HE2 CME B 112 13.41 23.18 1.27
HE3 CME B 112 12.34 24.29 0.32
HZ2 CME B 112 14.40 24.51 -1.34
HZ3 CME B 112 15.37 23.83 0.03
HH CME B 112 15.21 26.10 0.08
N LEU B 113 14.50 17.01 2.19
CA LEU B 113 14.94 16.29 3.38
C LEU B 113 16.45 16.34 3.34
N ASP B 114 17.05 16.84 4.42
CA ASP B 114 18.51 16.88 4.56
C ASP B 114 18.82 16.02 5.78
N LEU B 115 19.22 14.78 5.55
CA LEU B 115 19.51 13.89 6.65
C LEU B 115 20.84 14.19 7.31
N SER B 116 21.62 15.09 6.71
CA SER B 116 22.90 15.51 7.28
C SER B 116 22.74 16.59 8.36
N ALA B 117 21.65 17.34 8.31
CA ALA B 117 21.47 18.48 9.21
C ALA B 117 21.06 18.09 10.63
N PRO B 118 19.92 17.44 10.84
CA PRO B 118 18.89 17.05 9.89
C PRO B 118 17.83 18.14 9.82
N SER B 119 17.23 18.26 8.63
CA SER B 119 16.18 19.23 8.41
C SER B 119 15.18 18.78 7.36
N ILE B 120 13.99 19.34 7.44
CA ILE B 120 12.96 19.19 6.43
C ILE B 120 12.44 20.57 6.14
N SER B 121 12.42 20.91 4.86
CA SER B 121 11.99 22.27 4.43
C SER B 121 11.17 22.17 3.15
N PHE B 122 10.52 23.27 2.78
CA PHE B 122 9.56 23.30 1.70
C PHE B 122 9.71 24.54 0.83
N ARG B 123 9.22 24.42 -0.38
CA ARG B 123 8.94 25.59 -1.22
C ARG B 123 7.52 25.47 -1.75
N ILE B 124 6.93 26.60 -2.09
CA ILE B 124 5.62 26.61 -2.69
C ILE B 124 5.71 27.40 -3.99
N ASN B 125 5.40 26.74 -5.10
CA ASN B 125 5.57 27.36 -6.43
C ASN B 125 6.92 28.00 -6.59
N GLY B 126 7.95 27.29 -6.14
CA GLY B 126 9.33 27.69 -6.33
C GLY B 126 9.86 28.64 -5.24
N GLN B 127 9.01 29.04 -4.33
CA GLN B 127 9.34 30.09 -3.34
C GLN B 127 9.57 29.49 -1.97
N PRO B 128 10.63 29.90 -1.28
CA PRO B 128 10.86 29.36 0.06
C PRO B 128 9.74 29.60 1.03
N VAL B 129 9.47 28.56 1.80
CA VAL B 129 8.61 28.64 2.96
C VAL B 129 9.49 28.96 4.17
N GLN B 130 9.13 29.97 4.95
CA GLN B 130 9.98 30.49 6.01
C GLN B 130 9.74 29.76 7.33
N GLY B 131 10.22 28.56 7.43
CA GLY B 131 10.15 27.78 8.63
C GLY B 131 10.42 26.36 8.23
N MET B 132 11.11 25.59 9.07
CA MET B 132 11.43 24.23 8.78
C MET B 132 11.44 23.38 10.03
N PHE B 133 11.51 22.08 9.85
CA PHE B 133 11.73 21.15 10.96
C PHE B 133 13.22 20.86 11.05
N GLU B 134 13.73 20.84 12.27
CA GLU B 134 15.13 20.57 12.50
C GLU B 134 15.35 19.66 13.69
N ASN B 135 16.41 18.89 13.65
CA ASN B 135 16.91 18.16 14.80
C ASN B 135 15.95 17.10 15.33
N PHE B 136 15.19 16.51 14.43
CA PHE B 136 14.30 15.39 14.71
C PHE B 136 15.11 14.09 14.70
N ASN B 137 14.51 13.02 15.21
CA ASN B 137 15.14 11.72 15.25
C ASN B 137 15.30 11.16 13.82
N ILE B 138 16.46 10.60 13.54
CA ILE B 138 16.75 10.08 12.23
C ILE B 138 17.08 8.60 12.27
N ASP B 139 16.49 7.92 13.22
CA ASP B 139 16.54 6.46 13.22
C ASP B 139 15.53 6.06 12.13
N GLY B 140 15.72 4.94 11.48
CA GLY B 140 14.70 4.58 10.53
C GLY B 140 14.78 5.34 9.22
N LEU B 141 13.95 4.88 8.30
CA LEU B 141 13.98 5.34 6.94
C LEU B 141 12.84 6.34 6.70
N PHE B 142 13.11 7.35 5.90
CA PHE B 142 12.14 8.38 5.57
C PHE B 142 11.59 8.17 4.15
N PHE B 143 10.31 8.43 3.96
CA PHE B 143 9.69 8.28 2.67
C PHE B 143 8.84 9.53 2.39
N PRO B 144 8.76 9.97 1.14
CA PRO B 144 7.78 10.98 0.74
C PRO B 144 6.38 10.49 1.06
N VAL B 145 5.50 11.42 1.43
CA VAL B 145 4.15 11.01 1.76
C VAL B 145 3.20 12.21 1.64
N VAL B 146 1.96 11.91 1.30
CA VAL B 146 0.93 12.91 1.23
C VAL B 146 -0.37 12.31 1.80
N SER B 147 -1.15 13.16 2.46
CA SER B 147 -2.47 12.75 2.95
C SER B 147 -3.52 13.76 2.50
N PHE B 148 -4.74 13.27 2.25
CA PHE B 148 -5.75 14.11 1.60
C PHE B 148 -7.13 13.54 1.80
N SER B 149 -8.09 14.45 1.92
CA SER B 149 -9.50 14.11 2.04
C SER B 149 -10.08 13.84 0.65
N ALA B 150 -11.38 13.56 0.61
CA ALA B 150 -12.04 13.02 -0.59
C ALA B 150 -12.07 13.99 -1.71
N GLY B 151 -11.89 13.48 -2.92
CA GLY B 151 -12.07 14.28 -4.09
C GLY B 151 -10.81 15.02 -4.46
N ILE B 152 -9.73 14.86 -3.69
CA ILE B 152 -8.47 15.49 -4.01
C ILE B 152 -7.56 14.56 -4.81
N LYS B 153 -6.96 15.12 -5.85
CA LYS B 153 -6.05 14.36 -6.70
C LYS B 153 -4.70 15.06 -6.75
N VAL B 154 -3.66 14.30 -6.45
CA VAL B 154 -2.29 14.79 -6.45
C VAL B 154 -1.36 13.79 -7.14
N ARG B 155 -0.16 14.25 -7.54
CA ARG B 155 0.84 13.41 -8.13
C ARG B 155 2.20 13.75 -7.58
N PHE B 156 3.00 12.71 -7.36
CA PHE B 156 4.42 12.87 -7.06
C PHE B 156 5.21 13.11 -8.32
N LEU B 157 6.11 14.08 -8.27
CA LEU B 157 7.12 14.30 -9.30
C LEU B 157 8.44 13.96 -8.64
N LEU B 158 9.02 12.83 -9.01
CA LEU B 158 10.24 12.31 -8.36
C LEU B 158 11.52 12.56 -9.10
N GLY B 159 11.41 13.17 -10.28
CA GLY B 159 12.53 13.65 -11.07
C GLY B 159 12.73 12.92 -12.36
N GLY B 160 13.39 13.58 -13.30
CA GLY B 160 13.70 13.00 -14.59
C GLY B 160 12.47 12.78 -15.45
N ARG B 161 12.67 12.00 -16.50
CA ARG B 161 11.71 11.82 -17.56
C ARG B 161 10.31 11.41 -17.10
N HIS B 162 10.21 10.59 -16.06
CA HIS B 162 8.89 10.10 -15.59
C HIS B 162 8.19 10.96 -14.53
N GLY B 163 8.80 12.05 -14.09
CA GLY B 163 8.08 13.01 -13.25
C GLY B 163 8.96 14.22 -13.11
N GLU B 164 9.04 15.02 -14.16
CA GLU B 164 9.98 16.12 -14.22
C GLU B 164 9.65 17.19 -13.20
N PHE B 165 10.68 17.65 -12.52
CA PHE B 165 10.49 18.78 -11.63
C PHE B 165 10.16 20.04 -12.37
N LYS B 166 9.36 20.88 -11.73
N LYS B 166 9.36 20.88 -11.74
CA LYS B 166 9.15 22.23 -12.24
CA LYS B 166 9.16 22.24 -12.23
C LYS B 166 10.28 23.17 -11.84
C LYS B 166 10.39 23.11 -11.90
N PHE B 167 11.00 22.89 -10.76
CA PHE B 167 12.04 23.79 -10.25
C PHE B 167 13.35 23.01 -10.04
N LEU B 168 14.43 23.75 -10.16
CA LEU B 168 15.75 23.21 -9.83
C LEU B 168 15.87 22.96 -8.32
N PRO B 169 16.31 21.77 -7.90
CA PRO B 169 16.50 21.55 -6.46
C PRO B 169 17.54 22.52 -5.89
N PRO B 170 17.53 22.73 -4.60
CA PRO B 170 18.60 23.54 -4.02
C PRO B 170 19.97 22.88 -4.20
N PRO B 171 21.03 23.68 -4.07
CA PRO B 171 22.39 23.11 -4.19
C PRO B 171 22.59 21.95 -3.23
N GLY B 172 23.19 20.86 -3.71
CA GLY B 172 23.45 19.68 -2.94
C GLY B 172 22.37 18.62 -2.99
N TYR B 173 21.16 18.95 -3.43
CA TYR B 173 20.05 17.99 -3.38
C TYR B 173 19.97 17.10 -4.58
N ALA B 174 19.57 15.87 -4.35
CA ALA B 174 19.37 14.87 -5.39
C ALA B 174 17.89 14.54 -5.55
N ALA B 175 17.52 14.15 -6.74
CA ALA B 175 16.16 13.74 -7.02
C ALA B 175 15.81 12.45 -6.36
N CYS B 176 14.65 12.40 -5.74
CA CYS B 176 14.23 11.18 -5.07
C CYS B 176 14.21 9.90 -5.92
N TYR B 177 13.94 10.01 -7.24
N TYR B 177 13.87 9.94 -7.21
CA TYR B 177 13.87 8.82 -8.12
CA TYR B 177 13.80 8.69 -7.95
C TYR B 177 15.17 8.07 -8.16
C TYR B 177 15.17 7.99 -7.89
N GLU B 178 16.25 8.75 -7.76
CA GLU B 178 17.58 8.16 -7.80
C GLU B 178 17.84 7.31 -6.56
N ALA B 179 16.93 7.34 -5.58
CA ALA B 179 17.13 6.59 -4.33
C ALA B 179 16.45 5.23 -4.32
N VAL B 180 15.77 4.87 -5.40
CA VAL B 180 15.09 3.58 -5.43
C VAL B 180 16.11 2.46 -5.17
N LEU B 181 15.69 1.47 -4.41
CA LEU B 181 16.53 0.33 -4.11
C LEU B 181 16.85 -0.41 -5.40
N PRO B 182 18.12 -0.84 -5.58
CA PRO B 182 18.49 -1.49 -6.84
C PRO B 182 17.61 -2.69 -7.10
N LYS B 183 17.13 -2.79 -8.34
CA LYS B 183 16.32 -3.91 -8.80
C LYS B 183 14.81 -3.79 -8.51
N GLU B 184 14.40 -2.84 -7.65
CA GLU B 184 12.98 -2.57 -7.42
C GLU B 184 12.46 -1.62 -8.52
N LYS B 185 11.19 -1.77 -8.92
CA LYS B 185 10.51 -0.80 -9.79
C LYS B 185 9.87 0.29 -8.92
N LEU B 186 9.77 1.48 -9.46
CA LEU B 186 9.14 2.57 -8.74
C LEU B 186 7.61 2.40 -8.75
N LYS B 187 7.02 2.42 -7.55
CA LYS B 187 5.59 2.19 -7.35
C LYS B 187 5.03 3.24 -6.41
N VAL B 188 3.75 3.50 -6.56
CA VAL B 188 3.02 4.36 -5.63
C VAL B 188 1.98 3.52 -4.90
N GLU B 189 1.95 3.69 -3.59
N GLU B 189 2.03 3.60 -3.58
CA GLU B 189 1.04 2.98 -2.71
CA GLU B 189 1.07 2.93 -2.68
C GLU B 189 0.01 3.93 -2.13
C GLU B 189 0.02 3.95 -2.27
N HIS B 190 -1.25 3.55 -2.27
CA HIS B 190 -2.36 4.36 -1.80
C HIS B 190 -3.07 3.64 -0.66
N SER B 191 -3.33 4.27 0.45
CA SER B 191 -4.04 3.70 1.56
C SER B 191 -5.32 4.46 1.76
N ARG B 192 -6.42 3.77 1.96
CA ARG B 192 -7.71 4.37 2.18
C ARG B 192 -8.52 3.52 3.10
N GLU B 193 -9.47 4.12 3.82
CA GLU B 193 -10.45 3.33 4.58
C GLU B 193 -11.29 2.42 3.65
N TYR B 194 -11.58 1.19 4.12
CA TYR B 194 -12.42 0.20 3.44
C TYR B 194 -13.89 0.56 3.45
C1 IPA C . -4.05 3.46 -8.79
C2 IPA C . -5.10 3.95 -7.78
C3 IPA C . -6.44 3.24 -7.99
O2 IPA C . -4.67 3.73 -6.45
H11 IPA C . -3.20 3.05 -8.25
H12 IPA C . -3.73 4.30 -9.40
H13 IPA C . -4.49 2.70 -9.42
H2 IPA C . -5.25 5.02 -7.93
H31 IPA C . -6.73 2.74 -7.06
H32 IPA C . -6.35 2.50 -8.78
H33 IPA C . -7.21 3.97 -8.26
HO2 IPA C . -5.33 4.09 -5.83
CL CL D . -4.99 0.94 -11.22
C1 IPA E . -4.75 34.91 -3.36
C2 IPA E . -3.62 34.24 -4.11
C3 IPA E . -2.94 33.17 -3.25
O2 IPA E . -4.09 33.62 -5.29
H11 IPA E . -5.68 34.77 -3.92
H12 IPA E . -4.54 35.97 -3.27
H13 IPA E . -4.85 34.48 -2.37
H2 IPA E . -2.87 34.98 -4.38
H31 IPA E . -3.00 32.21 -3.76
H32 IPA E . -3.45 33.10 -2.29
H33 IPA E . -1.90 33.45 -3.10
HO2 IPA E . -3.43 33.72 -6.01
#